data_5TEC
#
_entry.id   5TEC
#
_cell.length_a   82.175
_cell.length_b   82.175
_cell.length_c   124.114
_cell.angle_alpha   90.00
_cell.angle_beta   90.00
_cell.angle_gamma   90.00
#
_symmetry.space_group_name_H-M   'P 43 21 2'
#
loop_
_entity.id
_entity.type
_entity.pdbx_description
1 polymer 'Protein SUPPRESSOR OF npr1-1, CONSTITUTIVE 1'
2 water water
#
_entity_poly.entity_id   1
_entity_poly.type   'polypeptide(L)'
_entity_poly.pdbx_seq_one_letter_code
;GSRRYDVFPSFRGEDVRDSFLSHLLKELRGKAITFIDDEIERSRSIGPELLSAIKESRIAIVIFSKNYASSTWCLNELVE
IHKCYTNLNQMVIPIFFHVDASEVKKQTGEFGKVFEETCKAKSEDEKQSWKQALAAVAVMAGYDLRKWPSEAAMIEELAE
DVLRKTMTPSDDFG
;
_entity_poly.pdbx_strand_id   A,B
#
# COMPACT_ATOMS: atom_id res chain seq x y z
N ARG A 3 -9.44 -9.82 -25.73
CA ARG A 3 -10.30 -10.91 -25.25
C ARG A 3 -9.60 -11.94 -24.35
N ARG A 4 -8.35 -12.30 -24.63
CA ARG A 4 -7.69 -13.29 -23.79
C ARG A 4 -7.62 -12.84 -22.32
N TYR A 5 -7.27 -11.57 -22.10
CA TYR A 5 -7.20 -11.03 -20.75
C TYR A 5 -8.22 -9.92 -20.54
N ASP A 6 -8.80 -9.86 -19.36
CA ASP A 6 -9.64 -8.72 -19.00
C ASP A 6 -8.81 -7.45 -18.86
N VAL A 7 -7.67 -7.61 -18.20
CA VAL A 7 -6.88 -6.46 -17.75
C VAL A 7 -5.42 -6.66 -18.05
N PHE A 8 -4.82 -5.65 -18.67
CA PHE A 8 -3.37 -5.55 -18.73
C PHE A 8 -2.92 -4.46 -17.78
N PRO A 9 -2.19 -4.83 -16.72
CA PRO A 9 -1.75 -3.74 -15.85
C PRO A 9 -0.36 -3.26 -16.22
N SER A 10 -0.20 -1.96 -16.38
CA SER A 10 1.11 -1.37 -16.67
C SER A 10 1.58 -0.56 -15.45
N PHE A 11 2.77 -0.88 -14.94
CA PHE A 11 3.23 -0.28 -13.68
C PHE A 11 4.75 -0.42 -13.52
N ARG A 12 5.33 0.39 -12.64
CA ARG A 12 6.73 0.25 -12.21
C ARG A 12 6.75 -0.63 -10.97
N GLY A 13 7.20 -1.86 -11.13
CA GLY A 13 7.18 -2.82 -10.04
C GLY A 13 7.88 -2.33 -8.78
N GLU A 14 9.00 -1.66 -8.94
CA GLU A 14 9.72 -1.15 -7.76
C GLU A 14 8.85 -0.17 -6.94
N ASP A 15 7.90 0.52 -7.57
CA ASP A 15 7.06 1.47 -6.83
C ASP A 15 5.84 0.80 -6.14
N VAL A 16 5.22 -0.20 -6.78
CA VAL A 16 3.91 -0.66 -6.32
C VAL A 16 3.68 -2.15 -6.21
N ARG A 17 4.62 -2.96 -6.74
CA ARG A 17 4.32 -4.39 -6.92
C ARG A 17 3.89 -5.06 -5.62
N ASP A 18 4.69 -4.85 -4.56
CA ASP A 18 4.54 -5.59 -3.32
C ASP A 18 3.59 -4.91 -2.36
N SER A 19 3.06 -3.76 -2.77
CA SER A 19 2.19 -2.99 -1.88
C SER A 19 0.91 -2.75 -2.61
N PHE A 20 0.75 -1.57 -3.18
CA PHE A 20 -0.52 -1.14 -3.78
C PHE A 20 -1.04 -2.14 -4.82
N LEU A 21 -0.16 -2.60 -5.71
CA LEU A 21 -0.60 -3.52 -6.78
C LEU A 21 -1.06 -4.85 -6.19
N SER A 22 -0.45 -5.32 -5.08
CA SER A 22 -0.86 -6.60 -4.53
C SER A 22 -2.29 -6.52 -4.06
N HIS A 23 -2.70 -5.37 -3.54
CA HIS A 23 -4.09 -5.23 -3.12
C HIS A 23 -5.04 -5.15 -4.31
N LEU A 24 -4.63 -4.46 -5.37
CA LEU A 24 -5.48 -4.34 -6.54
C LEU A 24 -5.70 -5.72 -7.19
N LEU A 25 -4.63 -6.48 -7.42
CA LEU A 25 -4.79 -7.76 -8.11
C LEU A 25 -5.60 -8.71 -7.27
N LYS A 26 -5.39 -8.70 -5.95
CA LYS A 26 -6.21 -9.55 -5.12
C LYS A 26 -7.70 -9.20 -5.30
N GLU A 27 -8.01 -7.93 -5.34
CA GLU A 27 -9.39 -7.52 -5.45
C GLU A 27 -9.92 -7.94 -6.83
N LEU A 28 -9.10 -7.85 -7.87
CA LEU A 28 -9.56 -8.26 -9.19
C LEU A 28 -9.83 -9.77 -9.20
N ARG A 29 -8.92 -10.54 -8.63
CA ARG A 29 -9.08 -12.00 -8.62
C ARG A 29 -10.39 -12.39 -7.93
N GLY A 30 -10.73 -11.69 -6.86
CA GLY A 30 -11.94 -12.00 -6.13
C GLY A 30 -13.19 -11.80 -6.98
N LYS A 31 -13.06 -11.08 -8.09
CA LYS A 31 -14.20 -10.87 -8.99
C LYS A 31 -14.02 -11.63 -10.28
N ALA A 32 -13.10 -12.58 -10.31
CA ALA A 32 -12.84 -13.44 -11.49
C ALA A 32 -12.44 -12.59 -12.71
N ILE A 33 -11.78 -11.47 -12.43
CA ILE A 33 -11.19 -10.67 -13.49
C ILE A 33 -9.81 -11.25 -13.77
N THR A 34 -9.54 -11.55 -15.03
CA THR A 34 -8.27 -12.15 -15.40
C THR A 34 -7.27 -11.07 -15.78
N PHE A 35 -6.00 -11.38 -15.59
CA PHE A 35 -4.95 -10.47 -16.02
C PHE A 35 -3.72 -11.26 -16.31
N ILE A 36 -2.85 -10.68 -17.11
CA ILE A 36 -1.60 -11.34 -17.42
C ILE A 36 -0.63 -11.19 -16.27
N ASP A 37 0.21 -12.20 -16.11
CA ASP A 37 1.21 -12.20 -15.06
C ASP A 37 2.63 -11.77 -15.53
N ASP A 38 3.17 -10.72 -14.91
CA ASP A 38 4.61 -10.42 -15.01
C ASP A 38 5.44 -11.39 -14.17
N LEU A 51 4.59 -6.79 -24.52
CA LEU A 51 3.99 -5.84 -25.46
C LEU A 51 2.94 -6.52 -26.30
N SER A 52 3.25 -7.73 -26.71
CA SER A 52 2.32 -8.56 -27.44
C SER A 52 1.01 -8.81 -26.70
N ALA A 53 1.07 -8.87 -25.39
CA ALA A 53 -0.13 -9.18 -24.62
C ALA A 53 -1.10 -8.01 -24.53
N ILE A 54 -0.62 -6.81 -24.80
CA ILE A 54 -1.45 -5.63 -24.56
C ILE A 54 -2.69 -5.64 -25.46
N LYS A 55 -2.52 -5.95 -26.73
CA LYS A 55 -3.64 -5.97 -27.66
C LYS A 55 -4.56 -7.16 -27.38
N GLU A 56 -4.06 -8.12 -26.62
CA GLU A 56 -4.83 -9.28 -26.22
C GLU A 56 -5.71 -9.02 -24.97
N SER A 57 -5.64 -7.78 -24.46
CA SER A 57 -6.31 -7.38 -23.20
C SER A 57 -7.43 -6.35 -23.41
N ARG A 58 -8.57 -6.58 -22.77
CA ARG A 58 -9.69 -5.68 -22.96
C ARG A 58 -9.49 -4.31 -22.32
N ILE A 59 -8.84 -4.30 -21.16
CA ILE A 59 -8.73 -3.07 -20.38
C ILE A 59 -7.30 -2.87 -19.95
N ALA A 60 -6.76 -1.68 -20.14
CA ALA A 60 -5.42 -1.39 -19.65
C ALA A 60 -5.52 -0.53 -18.38
N ILE A 61 -4.85 -0.95 -17.32
CA ILE A 61 -4.79 -0.13 -16.11
C ILE A 61 -3.39 0.37 -15.97
N VAL A 62 -3.22 1.67 -16.07
CA VAL A 62 -1.89 2.27 -16.05
C VAL A 62 -1.70 2.91 -14.68
N ILE A 63 -0.71 2.42 -13.96
CA ILE A 63 -0.43 2.97 -12.66
C ILE A 63 0.76 3.91 -12.73
N PHE A 64 0.44 5.20 -12.73
CA PHE A 64 1.47 6.23 -12.75
C PHE A 64 1.96 6.43 -11.33
N SER A 65 3.24 6.17 -11.14
CA SER A 65 3.94 6.40 -9.88
C SER A 65 5.22 7.18 -10.14
N LYS A 66 5.88 7.60 -9.10
CA LYS A 66 7.02 8.49 -9.24
C LYS A 66 8.02 7.99 -10.27
N ASN A 67 8.25 6.67 -10.34
CA ASN A 67 9.31 6.17 -11.19
C ASN A 67 8.84 5.44 -12.40
N TYR A 68 7.55 5.56 -12.69
CA TYR A 68 7.01 5.06 -13.92
C TYR A 68 7.83 5.55 -15.08
N ALA A 69 8.25 6.82 -14.99
CA ALA A 69 8.91 7.48 -16.12
C ALA A 69 10.37 7.09 -16.22
N SER A 70 10.87 6.28 -15.28
CA SER A 70 12.26 5.85 -15.28
C SER A 70 12.40 4.54 -16.05
N SER A 71 11.28 3.97 -16.47
CA SER A 71 11.29 2.71 -17.22
C SER A 71 10.83 2.88 -18.70
N THR A 72 11.71 2.59 -19.64
CA THR A 72 11.32 2.62 -21.03
C THR A 72 10.38 1.47 -21.34
N TRP A 73 10.47 0.42 -20.54
CA TRP A 73 9.53 -0.68 -20.62
C TRP A 73 8.14 -0.14 -20.37
N CYS A 74 7.94 0.59 -19.29
CA CYS A 74 6.61 1.17 -19.00
C CYS A 74 6.21 2.15 -20.09
N LEU A 75 7.16 2.97 -20.55
CA LEU A 75 6.79 4.01 -21.51
C LEU A 75 6.41 3.38 -22.85
N ASN A 76 7.12 2.33 -23.24
CA ASN A 76 6.78 1.69 -24.48
C ASN A 76 5.46 0.95 -24.37
N GLU A 77 5.15 0.41 -23.18
CA GLU A 77 3.82 -0.17 -22.92
C GLU A 77 2.74 0.86 -23.13
N LEU A 78 2.99 2.05 -22.64
CA LEU A 78 2.01 3.09 -22.74
C LEU A 78 1.72 3.47 -24.19
N VAL A 79 2.75 3.47 -25.02
CA VAL A 79 2.55 3.80 -26.42
C VAL A 79 1.65 2.75 -27.08
N GLU A 80 1.95 1.48 -26.80
CA GLU A 80 1.18 0.39 -27.35
C GLU A 80 -0.27 0.47 -26.85
N ILE A 81 -0.43 0.77 -25.58
CA ILE A 81 -1.74 0.90 -24.97
C ILE A 81 -2.48 2.02 -25.73
N HIS A 82 -1.78 3.12 -25.98
CA HIS A 82 -2.35 4.22 -26.74
C HIS A 82 -2.84 3.79 -28.12
N LYS A 83 -2.04 2.96 -28.78
CA LYS A 83 -2.39 2.46 -30.10
C LYS A 83 -3.63 1.57 -30.03
N CYS A 84 -3.75 0.80 -28.95
CA CYS A 84 -4.86 -0.14 -28.78
C CYS A 84 -6.13 0.60 -28.42
N TYR A 85 -5.98 1.64 -27.63
CA TYR A 85 -7.05 2.55 -27.39
C TYR A 85 -7.59 3.13 -28.70
N THR A 86 -6.70 3.65 -29.53
CA THR A 86 -7.05 4.28 -30.81
C THR A 86 -7.62 3.33 -31.85
N ASN A 87 -6.98 2.18 -32.03
CA ASN A 87 -7.33 1.29 -33.14
C ASN A 87 -8.15 0.07 -32.75
N LEU A 88 -8.09 -0.36 -31.49
CA LEU A 88 -8.80 -1.59 -31.10
C LEU A 88 -9.85 -1.34 -30.02
N ASN A 89 -10.14 -0.08 -29.73
CA ASN A 89 -11.13 0.27 -28.71
C ASN A 89 -10.84 -0.39 -27.36
N GLN A 90 -9.56 -0.43 -27.02
CA GLN A 90 -9.15 -0.83 -25.69
C GLN A 90 -9.59 0.24 -24.72
N MET A 91 -10.18 -0.18 -23.61
CA MET A 91 -10.53 0.74 -22.53
C MET A 91 -9.28 0.99 -21.69
N VAL A 92 -9.01 2.24 -21.33
CA VAL A 92 -7.80 2.59 -20.58
C VAL A 92 -8.15 3.37 -19.32
N ILE A 93 -7.60 2.94 -18.20
CA ILE A 93 -7.89 3.56 -16.91
C ILE A 93 -6.57 3.97 -16.26
N PRO A 94 -6.34 5.26 -16.15
CA PRO A 94 -5.16 5.75 -15.45
C PRO A 94 -5.39 5.81 -13.96
N ILE A 95 -4.32 5.53 -13.24
CA ILE A 95 -4.25 5.65 -11.80
C ILE A 95 -3.09 6.55 -11.48
N PHE A 96 -3.30 7.50 -10.58
CA PHE A 96 -2.22 8.36 -10.14
C PHE A 96 -1.90 8.03 -8.72
N PHE A 97 -0.70 7.51 -8.52
CA PHE A 97 -0.23 6.98 -7.24
C PHE A 97 0.93 7.86 -6.76
N HIS A 98 0.61 8.86 -5.96
CA HIS A 98 1.53 9.86 -5.45
C HIS A 98 2.26 10.62 -6.56
N VAL A 99 1.60 10.78 -7.68
CA VAL A 99 2.05 11.73 -8.70
C VAL A 99 0.88 12.62 -9.09
N ASP A 100 1.23 13.85 -9.46
CA ASP A 100 0.28 14.83 -9.90
C ASP A 100 -0.13 14.55 -11.35
N ALA A 101 -1.42 14.38 -11.57
CA ALA A 101 -1.89 14.09 -12.93
C ALA A 101 -1.40 15.10 -13.99
N SER A 102 -1.32 16.38 -13.65
CA SER A 102 -0.87 17.37 -14.64
C SER A 102 0.61 17.22 -14.89
N GLU A 103 1.36 16.81 -13.87
CA GLU A 103 2.78 16.51 -14.03
C GLU A 103 2.98 15.35 -15.01
N VAL A 104 2.14 14.33 -14.93
CA VAL A 104 2.21 13.25 -15.89
C VAL A 104 1.82 13.74 -17.28
N LYS A 105 0.70 14.44 -17.35
CA LYS A 105 0.19 14.98 -18.58
C LYS A 105 1.18 15.90 -19.29
N LYS A 106 1.85 16.77 -18.53
CA LYS A 106 2.72 17.79 -19.10
C LYS A 106 4.19 17.48 -18.90
N GLN A 107 4.49 16.35 -18.25
CA GLN A 107 5.89 15.98 -17.94
C GLN A 107 6.65 17.09 -17.25
N THR A 108 6.08 17.55 -16.14
CA THR A 108 6.66 18.62 -15.35
C THR A 108 6.95 18.06 -13.96
N GLY A 109 7.51 18.90 -13.10
CA GLY A 109 7.71 18.53 -11.71
C GLY A 109 8.60 17.32 -11.57
N GLU A 110 8.47 16.61 -10.45
CA GLU A 110 9.33 15.47 -10.21
C GLU A 110 9.20 14.47 -11.30
N PHE A 111 7.97 14.24 -11.74
CA PHE A 111 7.69 13.23 -12.75
C PHE A 111 8.42 13.55 -14.03
N GLY A 112 8.40 14.83 -14.39
CA GLY A 112 9.04 15.33 -15.58
C GLY A 112 10.54 15.15 -15.57
N LYS A 113 11.15 15.43 -14.41
CA LYS A 113 12.61 15.37 -14.29
C LYS A 113 13.10 13.94 -14.44
N VAL A 114 12.42 12.98 -13.81
CA VAL A 114 12.69 11.58 -14.05
C VAL A 114 12.55 11.29 -15.55
N PHE A 115 11.43 11.75 -16.15
CA PHE A 115 11.22 11.56 -17.58
C PHE A 115 12.37 12.12 -18.38
N GLU A 116 12.77 13.36 -18.09
CA GLU A 116 13.82 13.96 -18.88
C GLU A 116 15.14 13.21 -18.69
N GLU A 117 15.40 12.81 -17.47
CA GLU A 117 16.62 12.07 -17.19
C GLU A 117 16.64 10.83 -18.07
N THR A 118 15.54 10.09 -18.04
CA THR A 118 15.39 8.90 -18.85
C THR A 118 15.56 9.16 -20.34
N CYS A 119 15.10 10.31 -20.82
CA CYS A 119 15.13 10.56 -22.27
C CYS A 119 16.51 10.88 -22.82
N LYS A 120 17.47 11.16 -21.95
CA LYS A 120 18.79 11.59 -22.41
C LYS A 120 19.45 10.59 -23.33
N ALA A 121 19.27 9.30 -23.07
CA ALA A 121 19.95 8.29 -23.86
C ALA A 121 19.10 7.80 -25.01
N LYS A 122 18.09 8.56 -25.37
CA LYS A 122 16.98 8.04 -26.18
C LYS A 122 16.63 8.94 -27.36
N SER A 123 16.11 8.32 -28.42
CA SER A 123 15.81 9.04 -29.64
C SER A 123 14.67 10.04 -29.42
N GLU A 124 14.73 11.14 -30.17
CA GLU A 124 13.77 12.20 -30.05
C GLU A 124 12.39 11.73 -30.47
N ASP A 125 12.32 10.76 -31.39
CA ASP A 125 11.01 10.32 -31.87
C ASP A 125 10.31 9.48 -30.83
N GLU A 126 11.02 8.60 -30.15
CA GLU A 126 10.31 7.88 -29.10
C GLU A 126 10.11 8.78 -27.89
N LYS A 127 10.84 9.85 -27.74
CA LYS A 127 10.52 10.75 -26.64
C LYS A 127 9.15 11.41 -26.97
N GLN A 128 8.99 11.81 -28.23
CA GLN A 128 7.75 12.36 -28.72
C GLN A 128 6.61 11.39 -28.55
N SER A 129 6.84 10.14 -28.88
CA SER A 129 5.75 9.19 -28.82
C SER A 129 5.30 8.99 -27.36
N TRP A 130 6.29 8.97 -26.47
CA TRP A 130 6.05 8.88 -25.07
C TRP A 130 5.30 10.05 -24.52
N LYS A 131 5.72 11.27 -24.90
CA LYS A 131 5.07 12.48 -24.43
C LYS A 131 3.62 12.50 -24.86
N GLN A 132 3.36 12.02 -26.07
CA GLN A 132 2.00 11.99 -26.55
C GLN A 132 1.12 10.99 -25.85
N ALA A 133 1.64 9.80 -25.63
CA ALA A 133 0.86 8.79 -24.95
C ALA A 133 0.57 9.24 -23.49
N LEU A 134 1.57 9.82 -22.82
CA LEU A 134 1.36 10.38 -21.48
C LEU A 134 0.27 11.47 -21.45
N ALA A 135 0.34 12.44 -22.36
CA ALA A 135 -0.66 13.49 -22.42
C ALA A 135 -2.02 12.90 -22.75
N ALA A 136 -2.09 11.89 -23.62
CA ALA A 136 -3.39 11.33 -23.97
C ALA A 136 -4.00 10.52 -22.81
N VAL A 137 -3.21 9.67 -22.16
CA VAL A 137 -3.73 8.82 -21.06
C VAL A 137 -3.97 9.60 -19.78
N ALA A 138 -3.18 10.62 -19.54
CA ALA A 138 -3.30 11.38 -18.29
C ALA A 138 -4.60 12.19 -18.15
N VAL A 139 -5.26 12.54 -19.26
CA VAL A 139 -6.53 13.27 -19.20
C VAL A 139 -7.75 12.34 -19.22
N MET A 140 -7.53 11.03 -19.27
CA MET A 140 -8.62 10.09 -19.25
C MET A 140 -9.14 9.97 -17.82
N ALA A 141 -10.45 9.71 -17.72
CA ALA A 141 -11.14 9.56 -16.47
C ALA A 141 -10.50 8.38 -15.72
N GLY A 142 -10.16 8.58 -14.46
CA GLY A 142 -9.52 7.55 -13.72
C GLY A 142 -9.44 7.80 -12.25
N TYR A 143 -8.35 7.32 -11.64
CA TYR A 143 -8.27 7.10 -10.19
C TYR A 143 -7.07 7.82 -9.64
N ASP A 144 -7.36 8.99 -9.10
CA ASP A 144 -6.34 9.81 -8.49
C ASP A 144 -6.42 9.62 -6.98
N LEU A 145 -5.38 9.04 -6.41
CA LEU A 145 -5.42 8.65 -5.01
C LEU A 145 -5.68 9.85 -4.06
N ARG A 146 -5.30 11.05 -4.47
CA ARG A 146 -5.56 12.18 -3.58
C ARG A 146 -7.06 12.48 -3.46
N LYS A 147 -7.88 11.93 -4.37
CA LYS A 147 -9.32 12.22 -4.36
C LYS A 147 -10.16 11.14 -3.69
N TRP A 148 -9.51 10.13 -3.10
CA TRP A 148 -10.22 9.04 -2.42
C TRP A 148 -9.79 9.02 -0.95
N PRO A 149 -10.64 8.46 -0.09
CA PRO A 149 -10.30 8.51 1.34
C PRO A 149 -9.20 7.49 1.71
N SER A 150 -8.99 6.46 0.89
CA SER A 150 -7.88 5.53 1.15
C SER A 150 -7.56 4.74 -0.09
N GLU A 151 -6.43 4.06 -0.07
CA GLU A 151 -6.10 3.13 -1.13
C GLU A 151 -7.14 2.02 -1.24
N ALA A 152 -7.59 1.53 -0.09
CA ALA A 152 -8.53 0.42 -0.09
C ALA A 152 -9.87 0.85 -0.70
N ALA A 153 -10.32 2.07 -0.39
CA ALA A 153 -11.59 2.53 -0.95
C ALA A 153 -11.47 2.73 -2.47
N MET A 154 -10.36 3.29 -2.92
CA MET A 154 -10.17 3.53 -4.34
C MET A 154 -10.10 2.23 -5.13
N ILE A 155 -9.32 1.29 -4.60
CA ILE A 155 -9.16 0.01 -5.27
C ILE A 155 -10.52 -0.72 -5.32
N GLU A 156 -11.32 -0.57 -4.27
CA GLU A 156 -12.62 -1.24 -4.27
C GLU A 156 -13.52 -0.69 -5.41
N GLU A 157 -13.59 0.64 -5.56
CA GLU A 157 -14.38 1.23 -6.64
C GLU A 157 -13.76 0.83 -7.98
N LEU A 158 -12.45 0.89 -8.12
CA LEU A 158 -11.82 0.53 -9.38
C LEU A 158 -12.13 -0.92 -9.80
N ALA A 159 -12.15 -1.85 -8.87
CA ALA A 159 -12.43 -3.23 -9.20
C ALA A 159 -13.88 -3.40 -9.67
N GLU A 160 -14.81 -2.68 -9.08
CA GLU A 160 -16.20 -2.80 -9.48
C GLU A 160 -16.39 -2.13 -10.85
N ASP A 161 -15.60 -1.11 -11.11
CA ASP A 161 -15.58 -0.40 -12.39
C ASP A 161 -15.11 -1.37 -13.48
N VAL A 162 -13.97 -2.00 -13.23
CA VAL A 162 -13.41 -2.97 -14.13
C VAL A 162 -14.39 -4.10 -14.41
N LEU A 163 -15.02 -4.62 -13.37
CA LEU A 163 -16.04 -5.66 -13.54
C LEU A 163 -17.17 -5.20 -14.46
N ARG A 164 -17.66 -3.96 -14.30
CA ARG A 164 -18.74 -3.47 -15.16
C ARG A 164 -18.23 -3.45 -16.61
N LYS A 165 -16.97 -3.02 -16.78
CA LYS A 165 -16.37 -2.89 -18.11
C LYS A 165 -16.26 -4.25 -18.81
N THR A 166 -16.18 -5.36 -18.07
CA THR A 166 -16.08 -6.66 -18.73
C THR A 166 -17.40 -6.99 -19.39
N MET A 167 -18.49 -6.41 -18.90
CA MET A 167 -19.77 -6.41 -19.62
C MET A 167 -19.70 -5.33 -20.71
N THR A 168 -19.85 -5.68 -21.99
CA THR A 168 -19.75 -4.66 -23.05
C THR A 168 -19.87 -5.24 -24.47
N TYR B 5 -14.32 -5.69 21.90
CA TYR B 5 -13.69 -5.74 20.58
C TYR B 5 -12.77 -6.93 20.38
N ASP B 6 -12.73 -7.46 19.16
CA ASP B 6 -11.72 -8.47 18.82
C ASP B 6 -10.34 -7.85 18.80
N VAL B 7 -10.21 -6.67 18.22
CA VAL B 7 -8.88 -6.11 17.92
C VAL B 7 -8.77 -4.63 18.29
N PHE B 8 -7.71 -4.25 19.02
CA PHE B 8 -7.33 -2.84 19.10
C PHE B 8 -6.09 -2.59 18.21
N PRO B 9 -6.25 -1.74 17.20
CA PRO B 9 -5.09 -1.40 16.38
C PRO B 9 -4.36 -0.17 16.89
N SER B 10 -3.07 -0.29 17.08
CA SER B 10 -2.25 0.84 17.49
C SER B 10 -1.28 1.17 16.37
N PHE B 11 -1.29 2.43 15.93
CA PHE B 11 -0.52 2.85 14.74
C PHE B 11 -0.29 4.36 14.67
N ARG B 12 0.70 4.75 13.88
CA ARG B 12 0.93 6.14 13.51
C ARG B 12 0.15 6.42 12.23
N GLY B 13 -0.95 7.15 12.35
CA GLY B 13 -1.84 7.37 11.23
C GLY B 13 -1.13 7.97 10.03
N GLU B 14 -0.23 8.92 10.26
CA GLU B 14 0.51 9.53 9.14
C GLU B 14 1.27 8.49 8.35
N ASP B 15 1.65 7.39 8.98
CA ASP B 15 2.42 6.38 8.26
C ASP B 15 1.54 5.41 7.48
N VAL B 16 0.38 5.06 8.02
CA VAL B 16 -0.34 3.91 7.51
C VAL B 16 -1.82 4.04 7.32
N ARG B 17 -2.43 5.10 7.83
CA ARG B 17 -3.88 5.15 7.90
C ARG B 17 -4.54 4.94 6.52
N ASP B 18 -4.10 5.73 5.54
CA ASP B 18 -4.77 5.77 4.26
C ASP B 18 -4.25 4.72 3.29
N SER B 19 -3.24 3.97 3.71
CA SER B 19 -2.64 2.98 2.82
C SER B 19 -2.72 1.63 3.51
N PHE B 20 -1.65 1.19 4.17
CA PHE B 20 -1.55 -0.18 4.70
C PHE B 20 -2.74 -0.51 5.63
N LEU B 21 -3.06 0.44 6.50
CA LEU B 21 -4.09 0.20 7.49
C LEU B 21 -5.42 0.04 6.83
N SER B 22 -5.66 0.76 5.73
CA SER B 22 -6.96 0.68 5.06
C SER B 22 -7.16 -0.72 4.49
N HIS B 23 -6.09 -1.36 4.02
CA HIS B 23 -6.25 -2.73 3.53
C HIS B 23 -6.45 -3.74 4.67
N LEU B 24 -5.75 -3.53 5.80
CA LEU B 24 -5.86 -4.43 6.94
C LEU B 24 -7.27 -4.42 7.51
N LEU B 25 -7.79 -3.23 7.74
CA LEU B 25 -9.08 -3.07 8.35
C LEU B 25 -10.16 -3.65 7.43
N LYS B 26 -10.02 -3.44 6.13
CA LYS B 26 -10.97 -4.05 5.18
C LYS B 26 -10.96 -5.58 5.26
N GLU B 27 -9.78 -6.17 5.32
CA GLU B 27 -9.68 -7.62 5.38
C GLU B 27 -10.27 -8.16 6.68
N LEU B 28 -10.04 -7.44 7.78
CA LEU B 28 -10.62 -7.83 9.05
C LEU B 28 -12.14 -7.72 9.03
N ARG B 29 -12.66 -6.62 8.53
CA ARG B 29 -14.10 -6.43 8.47
C ARG B 29 -14.70 -7.57 7.66
N GLY B 30 -14.00 -7.99 6.63
CA GLY B 30 -14.53 -8.99 5.74
C GLY B 30 -14.71 -10.31 6.46
N LYS B 31 -14.02 -10.50 7.57
CA LYS B 31 -14.17 -11.73 8.34
C LYS B 31 -14.93 -11.47 9.63
N ALA B 32 -15.63 -10.35 9.69
CA ALA B 32 -16.46 -10.03 10.87
C ALA B 32 -15.63 -9.90 12.13
N ILE B 33 -14.38 -9.47 11.97
CA ILE B 33 -13.55 -9.18 13.13
C ILE B 33 -13.83 -7.76 13.56
N THR B 34 -14.08 -7.57 14.84
CA THR B 34 -14.44 -6.26 15.39
C THR B 34 -13.29 -5.43 15.91
N PHE B 35 -13.39 -4.12 15.72
CA PHE B 35 -12.42 -3.15 16.23
C PHE B 35 -13.07 -1.77 16.39
N ILE B 36 -12.46 -0.94 17.21
CA ILE B 36 -12.92 0.43 17.41
C ILE B 36 -12.48 1.35 16.23
N ASP B 37 -13.34 2.29 15.85
CA ASP B 37 -13.05 3.20 14.74
C ASP B 37 -12.52 4.57 15.22
N LEU B 51 -7.62 4.98 24.83
CA LEU B 51 -6.81 4.18 25.74
C LEU B 51 -7.63 3.19 26.57
N SER B 52 -8.78 3.65 27.06
CA SER B 52 -9.71 2.81 27.81
C SER B 52 -10.17 1.59 27.01
N ALA B 53 -10.18 1.73 25.69
CA ALA B 53 -10.67 0.66 24.83
C ALA B 53 -9.68 -0.50 24.73
N ILE B 54 -8.43 -0.25 25.07
CA ILE B 54 -7.40 -1.27 24.90
C ILE B 54 -7.75 -2.48 25.76
N LYS B 55 -8.16 -2.24 27.00
CA LYS B 55 -8.49 -3.36 27.89
C LYS B 55 -9.80 -4.05 27.49
N GLU B 56 -10.60 -3.38 26.65
CA GLU B 56 -11.83 -3.97 26.12
C GLU B 56 -11.62 -4.72 24.82
N SER B 57 -10.36 -4.87 24.42
CA SER B 57 -10.00 -5.54 23.18
C SER B 57 -9.25 -6.84 23.47
N ARG B 58 -9.63 -7.90 22.78
CA ARG B 58 -9.06 -9.22 22.96
C ARG B 58 -7.60 -9.33 22.46
N ILE B 59 -7.31 -8.61 21.37
CA ILE B 59 -6.04 -8.66 20.67
C ILE B 59 -5.62 -7.23 20.37
N ALA B 60 -4.34 -6.89 20.59
CA ALA B 60 -3.80 -5.59 20.11
C ALA B 60 -2.90 -5.86 18.95
N ILE B 61 -3.06 -5.08 17.88
CA ILE B 61 -2.16 -5.15 16.75
C ILE B 61 -1.39 -3.88 16.70
N VAL B 62 -0.05 -3.99 16.84
CA VAL B 62 0.78 -2.81 16.93
C VAL B 62 1.50 -2.68 15.66
N ILE B 63 1.27 -1.60 14.95
CA ILE B 63 1.99 -1.40 13.70
C ILE B 63 3.16 -0.46 13.91
N PHE B 64 4.35 -1.04 14.03
CA PHE B 64 5.57 -0.23 14.14
C PHE B 64 5.92 0.25 12.74
N SER B 65 5.94 1.57 12.57
CA SER B 65 6.30 2.21 11.33
C SER B 65 7.33 3.24 11.65
N LYS B 66 7.92 3.87 10.63
CA LYS B 66 9.03 4.82 10.86
C LYS B 66 8.77 5.87 11.91
N ASN B 67 7.54 6.38 11.98
CA ASN B 67 7.29 7.48 12.89
C ASN B 67 6.47 7.06 14.12
N TYR B 68 6.27 5.76 14.35
CA TYR B 68 5.62 5.27 15.58
C TYR B 68 6.32 5.91 16.80
N ALA B 69 7.66 6.02 16.72
CA ALA B 69 8.46 6.44 17.86
C ALA B 69 8.41 7.93 18.17
N SER B 70 7.75 8.69 17.31
CA SER B 70 7.62 10.13 17.52
C SER B 70 6.32 10.48 18.26
N SER B 71 5.45 9.50 18.46
CA SER B 71 4.15 9.77 19.03
C SER B 71 4.01 9.26 20.46
N THR B 72 3.77 10.17 21.41
CA THR B 72 3.53 9.78 22.81
C THR B 72 2.18 9.09 22.94
N TRP B 73 1.24 9.43 22.05
CA TRP B 73 0.00 8.70 21.97
C TRP B 73 0.29 7.23 21.65
N CYS B 74 1.11 7.00 20.64
CA CYS B 74 1.43 5.62 20.27
C CYS B 74 2.14 4.92 21.42
N LEU B 75 3.13 5.60 21.99
CA LEU B 75 3.98 4.97 22.98
C LEU B 75 3.22 4.67 24.23
N ASN B 76 2.28 5.52 24.60
CA ASN B 76 1.47 5.27 25.78
C ASN B 76 0.47 4.15 25.53
N GLU B 77 -0.03 4.07 24.31
CA GLU B 77 -0.88 2.94 23.94
C GLU B 77 -0.09 1.65 24.11
N LEU B 78 1.18 1.67 23.70
CA LEU B 78 1.97 0.46 23.79
C LEU B 78 2.15 0.04 25.25
N VAL B 79 2.32 1.02 26.15
CA VAL B 79 2.50 0.71 27.56
C VAL B 79 1.21 0.07 28.09
N GLU B 80 0.07 0.64 27.71
CA GLU B 80 -1.20 0.12 28.17
C GLU B 80 -1.39 -1.30 27.65
N ILE B 81 -1.01 -1.50 26.38
CA ILE B 81 -1.05 -2.81 25.75
C ILE B 81 -0.17 -3.80 26.53
N HIS B 82 1.03 -3.36 26.88
CA HIS B 82 1.94 -4.17 27.65
C HIS B 82 1.28 -4.55 28.97
N LYS B 83 0.59 -3.59 29.59
CA LYS B 83 -0.12 -3.87 30.85
C LYS B 83 -1.23 -4.89 30.67
N CYS B 84 -2.00 -4.80 29.58
CA CYS B 84 -3.11 -5.71 29.34
C CYS B 84 -2.60 -7.10 28.97
N TYR B 85 -1.49 -7.15 28.23
CA TYR B 85 -0.79 -8.42 27.98
C TYR B 85 -0.45 -9.10 29.31
N THR B 86 0.21 -8.35 30.18
CA THR B 86 0.70 -8.89 31.45
C THR B 86 -0.41 -9.32 32.38
N ASN B 87 -1.41 -8.47 32.58
CA ASN B 87 -2.40 -8.74 33.64
C ASN B 87 -3.67 -9.34 33.10
N LEU B 88 -3.96 -9.12 31.81
CA LEU B 88 -5.25 -9.54 31.27
C LEU B 88 -5.12 -10.56 30.16
N ASN B 89 -3.90 -11.01 29.89
CA ASN B 89 -3.67 -11.97 28.82
C ASN B 89 -4.23 -11.51 27.49
N GLN B 90 -4.09 -10.22 27.21
CA GLN B 90 -4.35 -9.72 25.89
C GLN B 90 -3.34 -10.39 24.97
N MET B 91 -3.79 -10.84 23.81
CA MET B 91 -2.87 -11.33 22.77
C MET B 91 -2.29 -10.14 21.99
N VAL B 92 -1.00 -10.14 21.68
CA VAL B 92 -0.38 -8.99 21.04
C VAL B 92 0.37 -9.40 19.80
N ILE B 93 0.08 -8.72 18.70
CA ILE B 93 0.69 -9.04 17.41
C ILE B 93 1.35 -7.81 16.87
N PRO B 94 2.69 -7.78 16.88
CA PRO B 94 3.41 -6.66 16.26
C PRO B 94 3.55 -6.82 14.75
N ILE B 95 3.50 -5.68 14.07
CA ILE B 95 3.77 -5.59 12.64
C ILE B 95 4.92 -4.64 12.45
N PHE B 96 5.89 -5.05 11.65
CA PHE B 96 7.01 -4.17 11.35
C PHE B 96 6.85 -3.75 9.89
N PHE B 97 6.59 -2.46 9.73
CA PHE B 97 6.23 -1.84 8.48
C PHE B 97 7.34 -0.87 8.12
N HIS B 98 8.34 -1.37 7.40
CA HIS B 98 9.51 -0.57 7.01
C HIS B 98 10.29 -0.01 8.19
N VAL B 99 10.31 -0.75 9.28
CA VAL B 99 11.28 -0.52 10.34
C VAL B 99 11.93 -1.87 10.65
N ASP B 100 13.19 -1.81 11.06
CA ASP B 100 13.94 -2.99 11.45
C ASP B 100 13.50 -3.40 12.85
N ALA B 101 12.98 -4.62 12.99
CA ALA B 101 12.49 -5.14 14.29
C ALA B 101 13.54 -5.11 15.43
N SER B 102 14.81 -5.32 15.14
CA SER B 102 15.82 -5.26 16.20
C SER B 102 16.00 -3.85 16.71
N GLU B 103 15.90 -2.89 15.79
CA GLU B 103 15.98 -1.47 16.16
C GLU B 103 14.81 -1.08 17.06
N VAL B 104 13.65 -1.63 16.80
CA VAL B 104 12.51 -1.41 17.68
C VAL B 104 12.82 -2.04 19.04
N LYS B 105 13.23 -3.31 19.01
CA LYS B 105 13.54 -4.09 20.22
C LYS B 105 14.58 -3.41 21.09
N LYS B 106 15.62 -2.87 20.47
CA LYS B 106 16.77 -2.30 21.20
C LYS B 106 16.84 -0.75 21.20
N GLN B 107 15.92 -0.09 20.52
CA GLN B 107 15.98 1.36 20.35
C GLN B 107 17.34 1.79 19.82
N THR B 108 17.73 1.19 18.71
CA THR B 108 18.98 1.53 18.03
C THR B 108 18.71 2.04 16.63
N GLY B 109 19.76 2.47 15.94
CA GLY B 109 19.63 2.87 14.55
C GLY B 109 18.65 4.00 14.38
N GLU B 110 18.06 4.10 13.20
CA GLU B 110 17.12 5.18 12.89
C GLU B 110 15.92 5.19 13.83
N PHE B 111 15.37 4.02 14.14
CA PHE B 111 14.20 3.99 15.02
C PHE B 111 14.62 4.55 16.38
N GLY B 112 15.82 4.16 16.81
CA GLY B 112 16.35 4.60 18.08
C GLY B 112 16.47 6.10 18.14
N LYS B 113 16.94 6.72 17.05
CA LYS B 113 17.17 8.16 17.03
C LYS B 113 15.88 8.92 17.18
N VAL B 114 14.86 8.49 16.43
CA VAL B 114 13.55 9.10 16.58
C VAL B 114 13.08 8.98 18.03
N PHE B 115 13.25 7.79 18.59
CA PHE B 115 12.85 7.55 19.95
C PHE B 115 13.56 8.50 20.93
N GLU B 116 14.87 8.65 20.80
CA GLU B 116 15.65 9.44 21.73
C GLU B 116 15.14 10.87 21.73
N GLU B 117 14.80 11.37 20.55
CA GLU B 117 14.27 12.71 20.40
C GLU B 117 13.02 12.91 21.23
N THR B 118 12.10 11.96 21.07
CA THR B 118 10.84 11.94 21.79
C THR B 118 11.04 11.94 23.31
N CYS B 119 12.10 11.27 23.77
CA CYS B 119 12.34 11.09 25.20
C CYS B 119 12.78 12.37 25.92
N LYS B 120 13.20 13.38 25.16
CA LYS B 120 13.67 14.64 25.73
C LYS B 120 12.55 15.32 26.52
N GLU B 124 9.34 12.20 31.54
CA GLU B 124 10.53 11.51 32.02
C GLU B 124 10.35 11.21 33.50
N ASP B 125 10.98 10.18 34.07
CA ASP B 125 11.44 8.98 33.36
C ASP B 125 10.30 7.99 33.25
N GLU B 126 9.25 8.43 32.52
CA GLU B 126 8.08 7.65 32.09
C GLU B 126 8.55 6.73 30.96
N LYS B 127 9.85 6.86 30.76
CA LYS B 127 10.63 6.65 29.58
C LYS B 127 11.17 5.24 29.53
N GLN B 128 11.55 4.76 30.70
CA GLN B 128 11.96 3.38 30.87
C GLN B 128 10.74 2.51 30.54
N SER B 129 9.55 2.98 30.92
CA SER B 129 8.33 2.22 30.71
C SER B 129 8.10 2.01 29.22
N TRP B 130 8.43 3.02 28.42
CA TRP B 130 8.40 2.90 26.96
C TRP B 130 9.43 1.89 26.47
N LYS B 131 10.64 1.96 26.98
CA LYS B 131 11.69 1.08 26.52
C LYS B 131 11.32 -0.38 26.75
N GLN B 132 10.67 -0.65 27.87
CA GLN B 132 10.27 -2.00 28.23
C GLN B 132 9.14 -2.51 27.37
N ALA B 133 8.13 -1.68 27.12
CA ALA B 133 7.03 -2.11 26.29
C ALA B 133 7.54 -2.42 24.89
N LEU B 134 8.35 -1.51 24.36
CA LEU B 134 8.98 -1.72 23.07
C LEU B 134 9.82 -2.99 23.08
N ALA B 135 10.60 -3.19 24.14
CA ALA B 135 11.46 -4.35 24.20
C ALA B 135 10.64 -5.62 24.23
N ALA B 136 9.59 -5.62 25.03
CA ALA B 136 8.76 -6.81 25.18
C ALA B 136 7.93 -7.09 23.92
N VAL B 137 7.32 -6.06 23.34
CA VAL B 137 6.45 -6.28 22.19
C VAL B 137 7.22 -6.61 20.90
N ALA B 138 8.43 -6.10 20.75
CA ALA B 138 9.11 -6.31 19.48
C ALA B 138 9.48 -7.78 19.31
N VAL B 139 9.64 -8.54 20.38
CA VAL B 139 9.98 -9.97 20.21
C VAL B 139 8.79 -10.92 20.12
N MET B 140 7.57 -10.37 20.17
CA MET B 140 6.37 -11.20 20.09
C MET B 140 6.11 -11.61 18.66
N ALA B 141 5.55 -12.80 18.50
CA ALA B 141 5.29 -13.36 17.19
C ALA B 141 4.42 -12.42 16.39
N GLY B 142 4.88 -12.04 15.21
CA GLY B 142 4.13 -11.10 14.42
C GLY B 142 4.49 -11.18 12.96
N TYR B 143 4.39 -10.03 12.32
CA TYR B 143 4.42 -9.93 10.90
C TYR B 143 5.40 -8.81 10.49
N ASP B 144 6.58 -9.23 10.05
CA ASP B 144 7.59 -8.35 9.53
C ASP B 144 7.43 -8.37 8.01
N LEU B 145 7.05 -7.23 7.44
CA LEU B 145 6.71 -7.14 6.03
C LEU B 145 7.92 -7.52 5.15
N ARG B 146 9.12 -7.34 5.66
CA ARG B 146 10.27 -7.66 4.86
C ARG B 146 10.36 -9.20 4.68
N LYS B 147 9.62 -9.96 5.47
CA LYS B 147 9.66 -11.43 5.33
C LYS B 147 8.50 -12.03 4.51
N TRP B 148 7.60 -11.17 4.04
CA TRP B 148 6.45 -11.56 3.24
C TRP B 148 6.62 -11.05 1.83
N PRO B 149 6.01 -11.73 0.84
CA PRO B 149 6.17 -11.31 -0.55
C PRO B 149 5.36 -10.07 -0.92
N SER B 150 4.26 -9.79 -0.20
CA SER B 150 3.55 -8.54 -0.37
C SER B 150 2.74 -8.19 0.83
N GLU B 151 2.30 -6.95 0.87
CA GLU B 151 1.40 -6.53 1.90
C GLU B 151 0.13 -7.36 1.87
N ALA B 152 -0.38 -7.63 0.69
CA ALA B 152 -1.65 -8.32 0.58
C ALA B 152 -1.55 -9.73 1.14
N ALA B 153 -0.44 -10.41 0.88
CA ALA B 153 -0.29 -11.76 1.39
C ALA B 153 -0.13 -11.73 2.92
N MET B 154 0.66 -10.77 3.41
CA MET B 154 0.90 -10.71 4.83
C MET B 154 -0.42 -10.45 5.59
N ILE B 155 -1.21 -9.49 5.08
CA ILE B 155 -2.45 -9.08 5.69
C ILE B 155 -3.45 -10.23 5.63
N GLU B 156 -3.44 -10.97 4.55
CA GLU B 156 -4.38 -12.09 4.48
C GLU B 156 -4.07 -13.14 5.59
N GLU B 157 -2.79 -13.46 5.76
CA GLU B 157 -2.43 -14.45 6.77
C GLU B 157 -2.74 -13.95 8.18
N LEU B 158 -2.46 -12.68 8.42
CA LEU B 158 -2.73 -12.06 9.72
C LEU B 158 -4.22 -12.12 10.06
N ALA B 159 -5.07 -11.87 9.07
CA ALA B 159 -6.50 -11.92 9.31
C ALA B 159 -6.92 -13.33 9.71
N GLU B 160 -6.31 -14.35 9.10
CA GLU B 160 -6.67 -15.72 9.44
C GLU B 160 -6.14 -16.10 10.80
N ASP B 161 -4.99 -15.51 11.14
CA ASP B 161 -4.41 -15.68 12.46
C ASP B 161 -5.35 -15.08 13.50
N VAL B 162 -5.74 -13.83 13.31
CA VAL B 162 -6.65 -13.15 14.24
C VAL B 162 -7.93 -13.92 14.36
N LEU B 163 -8.45 -14.31 13.21
CA LEU B 163 -9.67 -15.11 13.19
C LEU B 163 -9.50 -16.39 14.02
N ARG B 164 -8.37 -17.09 13.88
CA ARG B 164 -8.20 -18.30 14.70
C ARG B 164 -8.18 -17.90 16.17
N LYS B 165 -7.52 -16.79 16.51
CA LYS B 165 -7.40 -16.38 17.90
C LYS B 165 -8.74 -16.01 18.53
N THR B 166 -9.65 -15.47 17.74
CA THR B 166 -10.92 -15.01 18.28
C THR B 166 -11.88 -16.13 18.57
N MET B 167 -11.69 -17.26 17.88
CA MET B 167 -12.45 -18.49 18.17
C MET B 167 -11.99 -19.22 19.45
N THR B 168 -11.88 -18.45 20.55
CA THR B 168 -11.40 -18.92 21.86
C THR B 168 -10.13 -19.78 21.70
#